data_2I76
#
_entry.id   2I76
#
_cell.length_a   130.276
_cell.length_b   130.276
_cell.length_c   97.612
_cell.angle_alpha   90.00
_cell.angle_beta   90.00
_cell.angle_gamma   120.00
#
_symmetry.space_group_name_H-M   'H 3'
#
loop_
_entity.id
_entity.type
_entity.pdbx_description
1 polymer 'Hypothetical protein'
2 non-polymer 'NADPH DIHYDRO-NICOTINAMIDE-ADENINE-DINUCLEOTIDE PHOSPHATE'
3 water water
#
_entity_poly.entity_id   1
_entity_poly.type   'polypeptide(L)'
_entity_poly.pdbx_seq_one_letter_code
;(MSE)SLVLNFVGTGTLTRFFLECLKDRYEIGYILSRSIDRARNLAEVYGGKAATLEKHPELNGVVFVIVPDRYIKTVAN
HLNLGDAVLVHCSGFLSSEIFKKSGRASIHPNFSFSSLEKALE(MSE)KDQIVFGLEGDERGLPIVKKIAEEISGKYFVI
PSEKKKAYHLAAVIASNFPVALAYLSKRIYTLLGLDEPELLIHTL(MSE)KGVADNIKK(MSE)RVECSLTGPVKRGDWQ
VVEEERREYEKIFGNTVLYDEIVKLLREVAESERREAQEDEREGGSHHHHHH
;
_entity_poly.pdbx_strand_id   A,B
#
# COMPACT_ATOMS: atom_id res chain seq x y z
N VAL A 4 -11.39 -13.93 -33.13
CA VAL A 4 -10.24 -14.38 -33.99
C VAL A 4 -8.90 -14.23 -33.26
N LEU A 5 -8.74 -14.97 -32.16
CA LEU A 5 -7.55 -14.91 -31.34
C LEU A 5 -6.63 -16.13 -31.41
N ASN A 6 -5.35 -15.85 -31.66
CA ASN A 6 -4.31 -16.87 -31.75
C ASN A 6 -3.37 -16.39 -30.67
N PHE A 7 -2.78 -17.31 -29.91
CA PHE A 7 -1.85 -16.90 -28.86
C PHE A 7 -0.51 -17.57 -29.01
N VAL A 8 0.51 -16.93 -28.44
CA VAL A 8 1.85 -17.50 -28.45
C VAL A 8 2.31 -17.52 -27.01
N GLY A 9 2.89 -18.62 -26.58
CA GLY A 9 3.34 -18.68 -25.21
C GLY A 9 2.28 -19.11 -24.19
N THR A 10 2.31 -20.41 -23.88
CA THR A 10 1.42 -21.08 -22.95
C THR A 10 1.49 -20.54 -21.51
N GLY A 11 1.88 -19.29 -21.36
CA GLY A 11 1.98 -18.69 -20.04
C GLY A 11 0.68 -18.60 -19.23
N THR A 12 0.83 -18.57 -17.91
CA THR A 12 -0.31 -18.48 -17.00
C THR A 12 -1.28 -17.40 -17.48
N LEU A 13 -0.71 -16.35 -18.07
CA LEU A 13 -1.50 -15.23 -18.53
C LEU A 13 -2.34 -15.50 -19.77
N THR A 14 -1.97 -16.48 -20.58
CA THR A 14 -2.77 -16.77 -21.76
C THR A 14 -3.95 -17.64 -21.33
N ARG A 15 -3.72 -18.50 -20.36
CA ARG A 15 -4.79 -19.35 -19.86
C ARG A 15 -5.87 -18.40 -19.38
N PHE A 16 -5.46 -17.18 -19.06
CA PHE A 16 -6.40 -16.18 -18.58
C PHE A 16 -7.30 -15.69 -19.70
N PHE A 17 -6.73 -15.01 -20.69
CA PHE A 17 -7.54 -14.50 -21.80
C PHE A 17 -8.33 -15.61 -22.51
N LEU A 18 -7.75 -16.80 -22.57
CA LEU A 18 -8.43 -17.94 -23.19
C LEU A 18 -9.73 -18.18 -22.41
N GLU A 19 -9.56 -18.63 -21.18
CA GLU A 19 -10.68 -18.92 -20.29
C GLU A 19 -11.82 -17.90 -20.40
N CYS A 20 -11.50 -16.62 -20.26
CA CYS A 20 -12.55 -15.63 -20.33
C CYS A 20 -12.67 -14.93 -21.68
N LEU A 21 -12.86 -15.73 -22.72
CA LEU A 21 -13.05 -15.20 -24.08
C LEU A 21 -13.53 -16.27 -25.06
N LYS A 22 -13.91 -17.44 -24.56
CA LYS A 22 -14.41 -18.51 -25.41
C LYS A 22 -15.62 -18.01 -26.16
N ILE A 27 -11.01 -18.96 -31.30
CA ILE A 27 -9.62 -19.36 -31.04
C ILE A 27 -9.01 -20.17 -32.18
N GLY A 28 -7.79 -19.84 -32.55
CA GLY A 28 -7.13 -20.55 -33.63
C GLY A 28 -5.61 -20.52 -33.54
N TYR A 29 -5.02 -21.62 -33.08
CA TYR A 29 -3.57 -21.76 -32.96
C TYR A 29 -2.97 -21.14 -31.72
N ILE A 30 -2.36 -22.01 -30.92
CA ILE A 30 -1.71 -21.65 -29.67
C ILE A 30 -0.30 -22.18 -29.82
N LEU A 31 0.67 -21.28 -29.98
CA LEU A 31 2.05 -21.72 -30.17
C LEU A 31 2.84 -21.79 -28.88
N SER A 32 3.79 -22.72 -28.86
CA SER A 32 4.65 -22.92 -27.72
C SER A 32 5.91 -23.59 -28.26
N ARG A 33 6.99 -23.56 -27.48
CA ARG A 33 8.24 -24.20 -27.90
C ARG A 33 7.99 -25.70 -27.86
N SER A 34 7.07 -26.11 -27.00
CA SER A 34 6.69 -27.51 -26.84
C SER A 34 5.40 -27.78 -27.60
N ILE A 35 5.34 -28.91 -28.30
CA ILE A 35 4.13 -29.22 -29.06
C ILE A 35 3.06 -29.72 -28.09
N ASP A 36 3.50 -30.39 -27.03
CA ASP A 36 2.58 -30.90 -26.02
C ASP A 36 1.91 -29.72 -25.32
N ARG A 37 2.74 -28.83 -24.76
CA ARG A 37 2.25 -27.66 -24.06
C ARG A 37 1.22 -26.86 -24.84
N ALA A 38 1.44 -26.73 -26.14
CA ALA A 38 0.49 -26.00 -26.97
C ALA A 38 -0.75 -26.89 -27.15
N ARG A 39 -0.50 -28.17 -27.39
CA ARG A 39 -1.57 -29.14 -27.59
C ARG A 39 -2.45 -29.28 -26.36
N ASN A 40 -1.92 -28.96 -25.19
CA ASN A 40 -2.73 -29.09 -23.98
C ASN A 40 -3.71 -27.95 -23.82
N LEU A 41 -3.28 -26.73 -24.13
CA LEU A 41 -4.16 -25.59 -24.02
C LEU A 41 -5.17 -25.62 -25.17
N ALA A 42 -4.79 -26.25 -26.28
CA ALA A 42 -5.70 -26.37 -27.42
C ALA A 42 -6.77 -27.41 -27.02
N GLU A 43 -6.34 -28.40 -26.23
CA GLU A 43 -7.22 -29.46 -25.75
C GLU A 43 -8.24 -28.91 -24.76
N VAL A 44 -7.83 -27.88 -24.02
CA VAL A 44 -8.69 -27.26 -23.03
C VAL A 44 -9.45 -26.04 -23.55
N TYR A 45 -9.01 -25.50 -24.68
CA TYR A 45 -9.67 -24.32 -25.22
C TYR A 45 -10.00 -24.41 -26.72
N GLY A 46 -9.04 -24.86 -27.53
CA GLY A 46 -9.31 -25.01 -28.95
C GLY A 46 -8.36 -24.37 -29.94
N GLY A 47 -7.36 -25.11 -30.41
CA GLY A 47 -6.41 -24.56 -31.37
C GLY A 47 -5.45 -25.58 -31.95
N LYS A 48 -4.18 -25.21 -32.15
CA LYS A 48 -3.19 -26.13 -32.71
C LYS A 48 -1.82 -26.04 -32.03
N ALA A 49 -0.76 -25.69 -32.76
CA ALA A 49 0.55 -25.60 -32.12
C ALA A 49 1.82 -25.25 -32.95
N ALA A 50 2.97 -25.50 -32.32
CA ALA A 50 4.32 -25.29 -32.90
C ALA A 50 4.75 -23.85 -33.13
N THR A 51 6.06 -23.60 -33.01
CA THR A 51 6.63 -22.28 -33.24
C THR A 51 7.32 -22.47 -34.59
N LEU A 52 6.96 -23.60 -35.19
CA LEU A 52 7.37 -24.07 -36.50
C LEU A 52 5.94 -24.34 -36.92
N GLU A 53 5.11 -23.38 -36.53
CA GLU A 53 3.67 -23.35 -36.73
C GLU A 53 3.14 -23.27 -38.14
N LYS A 54 1.82 -23.19 -38.22
CA LYS A 54 1.12 -23.08 -39.49
C LYS A 54 1.32 -21.69 -40.06
N HIS A 55 0.28 -20.86 -40.00
CA HIS A 55 0.37 -19.52 -40.53
C HIS A 55 -0.77 -18.62 -40.07
N PRO A 56 -0.87 -18.39 -38.75
CA PRO A 56 -1.88 -17.54 -38.12
C PRO A 56 -2.16 -16.20 -38.78
N GLU A 57 -3.32 -15.63 -38.45
CA GLU A 57 -3.75 -14.35 -38.98
C GLU A 57 -5.23 -14.09 -38.63
N VAL A 61 -5.65 -11.71 -35.04
CA VAL A 61 -4.75 -11.10 -34.06
C VAL A 61 -3.82 -12.11 -33.36
N VAL A 62 -2.63 -11.63 -32.99
CA VAL A 62 -1.67 -12.49 -32.34
C VAL A 62 -1.15 -11.96 -31.02
N PHE A 63 -1.59 -12.57 -29.93
CA PHE A 63 -1.17 -12.19 -28.61
C PHE A 63 0.18 -12.85 -28.40
N VAL A 64 1.21 -12.03 -28.19
CA VAL A 64 2.53 -12.59 -27.97
C VAL A 64 2.78 -12.48 -26.48
N ILE A 65 2.21 -13.41 -25.72
CA ILE A 65 2.35 -13.41 -24.28
C ILE A 65 3.56 -14.22 -23.80
N VAL A 66 4.72 -13.60 -23.91
CA VAL A 66 5.96 -14.21 -23.44
C VAL A 66 6.82 -13.13 -22.82
N PRO A 67 7.79 -13.51 -21.97
CA PRO A 67 8.69 -12.59 -21.31
C PRO A 67 9.03 -11.35 -22.15
N ASP A 68 8.96 -10.19 -21.52
CA ASP A 68 9.26 -8.91 -22.17
C ASP A 68 10.54 -8.96 -23.01
N ARG A 69 11.38 -9.93 -22.67
CA ARG A 69 12.68 -10.12 -23.28
C ARG A 69 12.70 -10.70 -24.68
N TYR A 70 11.64 -11.39 -25.07
CA TYR A 70 11.59 -12.02 -26.40
C TYR A 70 10.43 -11.61 -27.31
N ILE A 71 9.50 -10.81 -26.78
CA ILE A 71 8.35 -10.37 -27.55
C ILE A 71 8.70 -9.91 -28.97
N LYS A 72 9.68 -9.02 -29.10
CA LYS A 72 10.07 -8.52 -30.42
C LYS A 72 10.65 -9.64 -31.28
N THR A 73 11.77 -10.21 -30.85
CA THR A 73 12.38 -11.29 -31.60
C THR A 73 11.35 -12.33 -32.03
N VAL A 74 10.75 -13.01 -31.04
CA VAL A 74 9.74 -14.04 -31.32
C VAL A 74 8.74 -13.57 -32.36
N ALA A 75 8.22 -12.36 -32.18
CA ALA A 75 7.23 -11.81 -33.10
C ALA A 75 7.80 -11.66 -34.50
N ASN A 76 9.12 -11.64 -34.61
CA ASN A 76 9.80 -11.52 -35.89
C ASN A 76 10.20 -12.89 -36.44
N HIS A 77 9.83 -13.92 -35.69
CA HIS A 77 10.11 -15.30 -36.04
C HIS A 77 8.75 -15.98 -36.24
N LEU A 78 7.70 -15.18 -36.22
CA LEU A 78 6.35 -15.70 -36.41
C LEU A 78 5.96 -15.59 -37.87
N ASN A 79 6.36 -14.49 -38.48
CA ASN A 79 6.07 -14.22 -39.87
C ASN A 79 4.81 -14.91 -40.38
N LEU A 80 3.73 -14.14 -40.47
CA LEU A 80 2.44 -14.62 -40.96
C LEU A 80 1.73 -13.40 -41.54
N GLY A 81 0.62 -13.58 -42.25
CA GLY A 81 -0.03 -12.43 -42.87
C GLY A 81 -1.42 -11.99 -42.45
N ASP A 82 -1.57 -10.67 -42.33
CA ASP A 82 -2.82 -10.04 -41.91
C ASP A 82 -3.21 -10.47 -40.51
N ALA A 83 -2.71 -9.74 -39.52
CA ALA A 83 -2.99 -10.04 -38.13
C ALA A 83 -2.46 -8.91 -37.26
N VAL A 84 -3.35 -8.29 -36.50
CA VAL A 84 -2.94 -7.23 -35.60
C VAL A 84 -2.12 -7.89 -34.49
N LEU A 85 -0.99 -7.29 -34.11
CA LEU A 85 -0.14 -7.85 -33.05
C LEU A 85 -0.30 -7.12 -31.73
N VAL A 86 -0.27 -7.87 -30.63
CA VAL A 86 -0.42 -7.29 -29.30
C VAL A 86 0.35 -8.04 -28.21
N HIS A 87 1.00 -7.30 -27.31
CA HIS A 87 1.68 -7.93 -26.20
C HIS A 87 1.13 -7.28 -24.94
N CYS A 88 1.46 -7.84 -23.78
CA CYS A 88 0.93 -7.32 -22.54
C CYS A 88 1.99 -6.68 -21.65
N SER A 89 3.12 -6.33 -22.24
CA SER A 89 4.19 -5.72 -21.47
C SER A 89 3.75 -4.43 -20.79
N GLY A 90 4.10 -4.32 -19.51
CA GLY A 90 3.78 -3.12 -18.75
C GLY A 90 4.81 -2.03 -19.01
N PHE A 91 5.98 -2.43 -19.48
CA PHE A 91 7.02 -1.48 -19.78
C PHE A 91 7.09 -1.20 -21.26
N LEU A 92 7.33 -2.26 -22.03
CA LEU A 92 7.45 -2.18 -23.48
C LEU A 92 6.18 -1.69 -24.16
N SER A 93 6.36 -1.09 -25.33
CA SER A 93 5.25 -0.55 -26.11
C SER A 93 4.92 -1.40 -27.33
N SER A 94 3.68 -1.27 -27.80
CA SER A 94 3.24 -1.99 -28.99
C SER A 94 4.25 -1.70 -30.11
N GLU A 95 4.60 -0.41 -30.25
CA GLU A 95 5.54 0.06 -31.26
C GLU A 95 6.80 -0.79 -31.39
N ILE A 96 7.10 -1.61 -30.39
CA ILE A 96 8.29 -2.43 -30.49
C ILE A 96 8.12 -3.42 -31.66
N PHE A 97 6.89 -3.54 -32.15
CA PHE A 97 6.55 -4.46 -33.24
C PHE A 97 6.83 -3.89 -34.63
N LYS A 98 6.92 -2.57 -34.72
CA LYS A 98 7.19 -1.92 -36.00
C LYS A 98 6.41 -2.57 -37.17
N LYS A 99 5.10 -2.46 -37.10
CA LYS A 99 4.21 -3.00 -38.13
C LYS A 99 2.94 -2.13 -38.16
N SER A 100 2.14 -2.25 -39.22
CA SER A 100 0.95 -1.43 -39.35
C SER A 100 -0.21 -1.73 -38.42
N GLY A 101 -0.36 -2.97 -37.96
CA GLY A 101 -1.48 -3.27 -37.06
C GLY A 101 -1.00 -3.76 -35.73
N ARG A 102 -0.74 -2.86 -34.79
CA ARG A 102 -0.23 -3.25 -33.48
C ARG A 102 -1.04 -2.75 -32.29
N ALA A 103 -0.68 -3.23 -31.10
CA ALA A 103 -1.35 -2.84 -29.88
C ALA A 103 -0.66 -3.40 -28.63
N SER A 104 -1.12 -2.97 -27.47
CA SER A 104 -0.55 -3.39 -26.20
C SER A 104 -1.62 -3.38 -25.10
N ILE A 105 -1.90 -4.55 -24.50
CA ILE A 105 -2.88 -4.62 -23.41
C ILE A 105 -2.24 -5.12 -22.12
N HIS A 106 -2.28 -4.26 -21.10
CA HIS A 106 -1.66 -4.57 -19.83
C HIS A 106 -2.55 -4.59 -18.59
N PRO A 107 -2.79 -5.80 -18.04
CA PRO A 107 -3.61 -6.01 -16.84
C PRO A 107 -2.81 -5.77 -15.56
N ASN A 108 -3.23 -4.80 -14.76
CA ASN A 108 -2.52 -4.51 -13.51
C ASN A 108 -2.99 -5.53 -12.50
N PHE A 109 -2.28 -6.65 -12.43
CA PHE A 109 -2.63 -7.73 -11.52
C PHE A 109 -1.50 -8.76 -11.58
N SER A 110 -1.42 -9.60 -10.57
CA SER A 110 -0.39 -10.62 -10.52
C SER A 110 -1.06 -11.99 -10.76
N PHE A 111 -0.52 -12.72 -11.72
CA PHE A 111 -1.08 -14.02 -12.08
C PHE A 111 -0.19 -15.19 -11.63
N LEU A 114 -1.90 -16.32 -8.78
CA LEU A 114 -2.84 -17.45 -8.83
C LEU A 114 -3.81 -17.32 -10.01
N GLU A 115 -4.00 -18.43 -10.70
CA GLU A 115 -4.87 -18.48 -11.86
C GLU A 115 -6.33 -18.11 -11.61
N LYS A 116 -6.90 -18.61 -10.53
CA LYS A 116 -8.29 -18.36 -10.19
C LYS A 116 -8.53 -17.08 -9.40
N ALA A 117 -7.49 -16.56 -8.74
CA ALA A 117 -7.63 -15.32 -7.99
C ALA A 117 -8.15 -14.37 -9.05
N LEU A 118 -7.85 -14.74 -10.29
CA LEU A 118 -8.27 -13.99 -11.45
C LEU A 118 -9.76 -14.20 -11.67
N GLU A 119 -10.48 -14.35 -10.56
CA GLU A 119 -11.92 -14.46 -10.57
C GLU A 119 -12.22 -13.03 -10.16
N LYS A 121 -11.28 -10.89 -11.90
CA LYS A 121 -11.36 -10.35 -13.25
C LYS A 121 -12.11 -9.02 -13.41
N ASP A 122 -13.22 -8.87 -12.69
CA ASP A 122 -14.03 -7.66 -12.78
C ASP A 122 -13.32 -6.37 -12.36
N GLN A 123 -12.32 -6.51 -11.49
CA GLN A 123 -11.56 -5.37 -10.98
C GLN A 123 -10.10 -5.32 -11.41
N ILE A 124 -9.87 -5.33 -12.73
CA ILE A 124 -8.54 -5.28 -13.29
C ILE A 124 -8.51 -4.11 -14.26
N VAL A 125 -7.94 -2.99 -13.83
CA VAL A 125 -7.85 -1.84 -14.70
C VAL A 125 -6.77 -2.14 -15.73
N PHE A 126 -7.12 -1.99 -17.01
CA PHE A 126 -6.17 -2.26 -18.08
C PHE A 126 -5.46 -1.05 -18.66
N GLY A 127 -4.19 -1.25 -18.97
CA GLY A 127 -3.41 -0.18 -19.57
C GLY A 127 -3.28 -0.58 -21.02
N LEU A 128 -4.07 0.06 -21.88
CA LEU A 128 -4.02 -0.24 -23.30
C LEU A 128 -3.19 0.83 -23.97
N GLU A 129 -2.80 0.56 -25.21
CA GLU A 129 -1.99 1.47 -26.01
C GLU A 129 -1.72 0.68 -27.29
N GLY A 130 -2.40 1.07 -28.37
CA GLY A 130 -2.23 0.37 -29.61
C GLY A 130 -2.21 1.22 -30.86
N ASP A 131 -2.20 0.52 -31.99
CA ASP A 131 -2.18 1.11 -33.32
C ASP A 131 -3.47 1.89 -33.55
N GLU A 132 -3.61 2.51 -34.71
CA GLU A 132 -4.83 3.23 -34.98
C GLU A 132 -5.94 2.19 -35.03
N ARG A 133 -5.73 1.17 -35.85
CA ARG A 133 -6.70 0.08 -36.02
C ARG A 133 -6.41 -1.10 -35.09
N GLY A 134 -5.28 -1.04 -34.38
CA GLY A 134 -4.93 -2.10 -33.46
C GLY A 134 -5.48 -1.80 -32.07
N LEU A 135 -5.77 -0.53 -31.81
CA LEU A 135 -6.30 -0.09 -30.52
C LEU A 135 -7.70 -0.59 -30.25
N PRO A 136 -8.63 -0.38 -31.19
CA PRO A 136 -9.99 -0.87 -30.92
C PRO A 136 -10.09 -2.39 -30.65
N ILE A 137 -9.08 -3.15 -31.06
CA ILE A 137 -9.09 -4.60 -30.84
C ILE A 137 -8.84 -4.95 -29.39
N VAL A 138 -7.96 -4.19 -28.75
CA VAL A 138 -7.63 -4.41 -27.34
C VAL A 138 -8.64 -3.63 -26.48
N LYS A 139 -9.06 -2.49 -27.01
CA LYS A 139 -10.02 -1.62 -26.36
C LYS A 139 -11.31 -2.44 -26.15
N LYS A 140 -11.67 -3.22 -27.17
CA LYS A 140 -12.87 -4.07 -27.17
C LYS A 140 -12.76 -5.16 -26.13
N ILE A 141 -11.57 -5.77 -26.05
CA ILE A 141 -11.32 -6.87 -25.12
C ILE A 141 -11.37 -6.48 -23.65
N ALA A 142 -10.78 -5.34 -23.30
CA ALA A 142 -10.79 -4.90 -21.91
C ALA A 142 -12.23 -4.62 -21.49
N GLU A 143 -12.98 -4.03 -22.41
CA GLU A 143 -14.37 -3.68 -22.15
C GLU A 143 -15.12 -4.94 -21.75
N GLU A 144 -14.71 -6.07 -22.31
CA GLU A 144 -15.35 -7.34 -21.99
C GLU A 144 -14.90 -7.87 -20.65
N ILE A 145 -13.66 -8.35 -20.59
CA ILE A 145 -13.09 -8.89 -19.37
C ILE A 145 -13.49 -8.11 -18.10
N SER A 146 -13.33 -6.77 -18.16
CA SER A 146 -13.65 -5.85 -17.07
C SER A 146 -13.62 -4.43 -17.58
N GLY A 147 -14.80 -3.83 -17.65
CA GLY A 147 -14.94 -2.46 -18.18
C GLY A 147 -14.17 -1.30 -17.59
N LYS A 148 -12.96 -1.60 -17.10
CA LYS A 148 -12.13 -0.61 -16.51
C LYS A 148 -10.77 -0.62 -17.23
N TYR A 149 -10.41 0.52 -17.81
CA TYR A 149 -9.15 0.66 -18.51
C TYR A 149 -8.92 2.09 -18.98
N PHE A 150 -7.77 2.34 -19.59
CA PHE A 150 -7.45 3.67 -20.10
C PHE A 150 -6.29 3.61 -21.11
N VAL A 151 -6.46 4.35 -22.21
CA VAL A 151 -5.45 4.38 -23.27
C VAL A 151 -4.37 5.39 -22.90
N ILE A 152 -3.15 5.07 -23.30
CA ILE A 152 -1.98 5.87 -23.03
C ILE A 152 -1.11 5.92 -24.27
N PRO A 153 -0.53 7.08 -24.59
CA PRO A 153 0.31 7.09 -25.81
C PRO A 153 1.50 6.14 -25.66
N SER A 154 2.00 5.65 -26.79
CA SER A 154 3.15 4.74 -26.78
C SER A 154 4.40 5.40 -26.20
N GLU A 155 4.47 6.73 -26.31
CA GLU A 155 5.61 7.47 -25.82
C GLU A 155 5.46 7.88 -24.34
N LYS A 156 4.64 7.13 -23.61
CA LYS A 156 4.40 7.39 -22.21
C LYS A 156 4.21 6.11 -21.40
N LYS A 157 4.55 4.98 -22.01
CA LYS A 157 4.39 3.70 -21.33
C LYS A 157 5.42 3.50 -20.23
N LYS A 158 6.59 4.15 -20.38
CA LYS A 158 7.66 4.08 -19.36
C LYS A 158 7.22 4.82 -18.10
N ALA A 159 6.49 5.90 -18.27
CA ALA A 159 5.97 6.66 -17.14
C ALA A 159 5.00 5.74 -16.42
N TYR A 160 4.03 5.25 -17.19
CA TYR A 160 3.00 4.34 -16.72
C TYR A 160 3.58 3.20 -15.89
N HIS A 161 4.55 2.49 -16.46
CA HIS A 161 5.18 1.38 -15.74
C HIS A 161 5.82 1.89 -14.45
N LEU A 162 6.52 3.02 -14.54
CA LEU A 162 7.18 3.61 -13.38
C LEU A 162 6.15 3.61 -12.24
N ALA A 163 4.99 4.22 -12.51
CA ALA A 163 3.91 4.31 -11.55
C ALA A 163 3.61 2.96 -10.90
N ALA A 164 3.42 1.93 -11.71
CA ALA A 164 3.11 0.62 -11.16
C ALA A 164 4.20 0.17 -10.19
N VAL A 165 5.45 0.47 -10.52
CA VAL A 165 6.59 0.09 -9.67
C VAL A 165 6.54 0.70 -8.27
N ILE A 166 6.19 1.99 -8.24
CA ILE A 166 6.09 2.74 -7.02
C ILE A 166 4.98 2.16 -6.13
N ALA A 167 3.88 1.78 -6.74
CA ALA A 167 2.76 1.24 -6.00
C ALA A 167 2.92 -0.26 -5.77
N SER A 168 3.79 -0.89 -6.53
CA SER A 168 3.94 -2.33 -6.41
C SER A 168 5.18 -2.76 -5.68
N ASN A 169 6.31 -2.36 -6.21
CA ASN A 169 7.58 -2.73 -5.63
C ASN A 169 7.95 -1.87 -4.44
N PHE A 170 8.12 -0.58 -4.70
CA PHE A 170 8.52 0.37 -3.66
C PHE A 170 8.06 0.14 -2.23
N PRO A 171 6.77 -0.24 -2.04
CA PRO A 171 6.34 -0.46 -0.67
C PRO A 171 7.24 -1.45 0.06
N VAL A 172 7.69 -2.45 -0.68
CA VAL A 172 8.56 -3.46 -0.11
C VAL A 172 9.75 -2.86 0.64
N ALA A 173 10.32 -1.77 0.13
CA ALA A 173 11.45 -1.14 0.81
C ALA A 173 10.97 -0.61 2.13
N LEU A 174 9.68 -0.34 2.25
CA LEU A 174 9.15 0.16 3.50
C LEU A 174 8.95 -1.03 4.45
N ALA A 175 8.46 -2.14 3.92
CA ALA A 175 8.25 -3.32 4.74
C ALA A 175 9.61 -3.79 5.27
N TYR A 176 10.64 -3.61 4.47
CA TYR A 176 12.00 -4.04 4.82
C TYR A 176 12.56 -3.24 6.00
N LEU A 177 12.44 -1.91 5.89
CA LEU A 177 12.91 -1.02 6.93
C LEU A 177 12.28 -1.32 8.28
N SER A 178 10.97 -1.53 8.30
CA SER A 178 10.26 -1.81 9.54
C SER A 178 10.58 -3.18 10.11
N LYS A 179 10.58 -4.20 9.27
CA LYS A 179 10.88 -5.55 9.75
C LYS A 179 12.26 -5.53 10.36
N ARG A 180 13.12 -4.70 9.82
CA ARG A 180 14.47 -4.62 10.34
C ARG A 180 14.45 -4.10 11.76
N ILE A 181 13.66 -3.07 12.02
CA ILE A 181 13.62 -2.51 13.36
C ILE A 181 12.72 -3.29 14.32
N TYR A 182 11.83 -4.12 13.80
CA TYR A 182 10.97 -4.93 14.65
C TYR A 182 11.77 -6.09 15.17
N THR A 183 12.74 -6.50 14.35
CA THR A 183 13.62 -7.60 14.70
C THR A 183 14.72 -7.09 15.62
N LEU A 184 14.96 -5.79 15.58
CA LEU A 184 15.97 -5.18 16.44
C LEU A 184 15.36 -5.14 17.84
N LEU A 185 14.04 -5.23 17.87
CA LEU A 185 13.26 -5.23 19.10
C LEU A 185 12.83 -6.65 19.47
N GLY A 186 13.28 -7.61 18.68
CA GLY A 186 12.94 -9.00 18.93
C GLY A 186 11.45 -9.28 18.85
N LEU A 187 10.85 -8.98 17.70
CA LEU A 187 9.43 -9.24 17.51
C LEU A 187 9.30 -10.61 16.88
N ASP A 188 8.29 -11.35 17.32
CA ASP A 188 8.02 -12.72 16.83
C ASP A 188 7.91 -12.75 15.30
N GLU A 189 6.71 -12.49 14.81
CA GLU A 189 6.46 -12.47 13.38
C GLU A 189 6.12 -11.03 13.04
N PRO A 190 7.12 -10.26 12.58
CA PRO A 190 6.90 -8.85 12.22
C PRO A 190 6.04 -8.68 10.99
N GLU A 191 6.22 -9.54 9.99
CA GLU A 191 5.45 -9.44 8.74
C GLU A 191 3.94 -9.28 9.00
N LEU A 192 3.44 -9.98 10.01
CA LEU A 192 2.03 -9.91 10.36
C LEU A 192 1.80 -8.47 10.74
N LEU A 193 2.48 -8.05 11.78
CA LEU A 193 2.39 -6.69 12.28
C LEU A 193 2.49 -5.68 11.12
N ILE A 194 3.44 -5.89 10.22
CA ILE A 194 3.64 -5.03 9.06
C ILE A 194 2.41 -5.04 8.17
N HIS A 195 1.94 -6.24 7.84
CA HIS A 195 0.78 -6.37 6.97
C HIS A 195 -0.42 -5.60 7.50
N THR A 196 -0.63 -5.68 8.82
CA THR A 196 -1.76 -5.01 9.43
C THR A 196 -1.62 -3.51 9.23
N LEU A 197 -0.46 -2.99 9.63
CA LEU A 197 -0.17 -1.56 9.51
C LEU A 197 -0.36 -1.07 8.08
N LYS A 199 -1.92 -2.75 5.25
CA LYS A 199 -3.15 -3.07 4.55
C LYS A 199 -4.25 -2.11 4.92
N GLY A 200 -4.17 -1.56 6.12
CA GLY A 200 -5.18 -0.62 6.56
C GLY A 200 -5.11 0.57 5.64
N VAL A 201 -3.89 0.91 5.23
CA VAL A 201 -3.69 2.05 4.33
C VAL A 201 -3.99 1.60 2.90
N ALA A 202 -3.55 0.39 2.58
CA ALA A 202 -3.76 -0.16 1.25
C ALA A 202 -5.23 -0.19 0.84
N ASP A 203 -6.12 -0.60 1.76
CA ASP A 203 -7.55 -0.67 1.47
C ASP A 203 -8.24 0.68 1.53
N ASN A 204 -7.97 1.44 2.59
CA ASN A 204 -8.57 2.76 2.78
C ASN A 204 -8.51 3.60 1.51
N ILE A 205 -7.44 3.41 0.75
CA ILE A 205 -7.21 4.15 -0.47
C ILE A 205 -8.21 3.83 -1.58
N LYS A 206 -9.02 2.80 -1.34
CA LYS A 206 -10.03 2.40 -2.31
C LYS A 206 -11.30 3.20 -2.08
N LYS A 207 -11.66 3.35 -0.81
CA LYS A 207 -12.85 4.08 -0.42
C LYS A 207 -12.60 5.60 -0.35
N ARG A 209 -9.59 9.19 -1.39
CA ARG A 209 -8.48 9.73 -2.14
C ARG A 209 -7.18 9.47 -1.39
N VAL A 210 -6.16 9.05 -2.14
CA VAL A 210 -4.84 8.77 -1.57
C VAL A 210 -4.52 9.72 -0.42
N GLU A 211 -4.49 11.03 -0.72
CA GLU A 211 -4.14 12.02 0.30
C GLU A 211 -5.02 12.09 1.52
N CYS A 212 -6.18 11.43 1.49
CA CYS A 212 -7.08 11.43 2.64
C CYS A 212 -6.81 10.22 3.53
N SER A 213 -5.75 9.48 3.22
CA SER A 213 -5.41 8.29 3.97
C SER A 213 -4.19 8.49 4.85
N LEU A 214 -3.59 9.68 4.82
CA LEU A 214 -2.41 9.92 5.65
C LEU A 214 -2.89 10.27 7.06
N THR A 215 -2.39 9.54 8.07
CA THR A 215 -2.81 9.79 9.45
C THR A 215 -1.75 10.07 10.50
N GLY A 216 -0.48 9.84 10.18
CA GLY A 216 0.57 10.03 11.18
C GLY A 216 0.81 11.33 11.95
N PRO A 217 2.00 11.42 12.55
CA PRO A 217 2.36 12.60 13.31
C PRO A 217 2.60 13.83 12.41
N VAL A 218 3.18 13.65 11.22
CA VAL A 218 3.38 14.79 10.34
C VAL A 218 1.99 15.40 10.17
N LYS A 219 1.02 14.55 9.82
CA LYS A 219 -0.38 14.94 9.63
C LYS A 219 -0.91 15.83 10.75
N ARG A 220 -0.71 15.37 11.99
CA ARG A 220 -1.13 16.11 13.20
C ARG A 220 -0.23 17.33 13.43
N GLY A 221 0.94 17.35 12.79
CA GLY A 221 1.87 18.44 12.97
C GLY A 221 2.65 18.22 14.25
N ASP A 222 2.87 16.96 14.60
CA ASP A 222 3.63 16.62 15.80
C ASP A 222 5.09 16.59 15.47
N TRP A 223 5.54 17.65 14.83
CA TRP A 223 6.93 17.79 14.45
C TRP A 223 7.87 17.27 15.50
N GLN A 224 7.54 17.50 16.77
CA GLN A 224 8.37 17.03 17.87
C GLN A 224 8.74 15.56 17.75
N VAL A 225 7.84 14.76 17.19
CA VAL A 225 8.13 13.33 17.00
C VAL A 225 8.78 13.15 15.64
N VAL A 226 8.30 13.90 14.64
CA VAL A 226 8.84 13.80 13.29
C VAL A 226 10.36 14.02 13.35
N GLU A 227 10.75 14.96 14.22
CA GLU A 227 12.15 15.33 14.41
C GLU A 227 12.97 14.33 15.18
N GLU A 228 12.44 13.83 16.28
CA GLU A 228 13.21 12.87 17.06
C GLU A 228 13.28 11.54 16.31
N GLU A 229 12.16 11.17 15.71
CA GLU A 229 12.05 9.93 14.94
C GLU A 229 13.04 9.91 13.79
N ARG A 230 13.49 11.09 13.40
CA ARG A 230 14.46 11.21 12.32
C ARG A 230 15.86 10.95 12.85
N ARG A 231 16.12 11.33 14.11
CA ARG A 231 17.42 11.09 14.74
C ARG A 231 17.45 9.62 15.14
N GLU A 232 16.28 9.08 15.46
CA GLU A 232 16.18 7.67 15.80
C GLU A 232 16.47 6.88 14.52
N TYR A 233 15.92 7.38 13.42
CA TYR A 233 16.09 6.76 12.10
C TYR A 233 17.56 6.79 11.71
N GLU A 234 18.21 7.93 11.92
CA GLU A 234 19.62 8.05 11.58
C GLU A 234 20.37 7.02 12.41
N LYS A 235 20.09 7.01 13.71
CA LYS A 235 20.71 6.09 14.65
C LYS A 235 20.64 4.63 14.23
N ILE A 236 19.53 4.25 13.60
CA ILE A 236 19.33 2.87 13.18
C ILE A 236 19.83 2.46 11.79
N PHE A 237 19.79 3.38 10.82
CA PHE A 237 20.19 3.03 9.47
C PHE A 237 21.39 3.75 8.89
N GLY A 238 22.02 4.64 9.66
CA GLY A 238 23.18 5.34 9.14
C GLY A 238 22.92 6.73 8.57
N ASN A 239 21.78 6.93 7.93
CA ASN A 239 21.48 8.25 7.39
C ASN A 239 20.01 8.57 7.53
N THR A 240 19.60 9.69 6.94
CA THR A 240 18.22 10.13 7.03
C THR A 240 17.65 10.46 5.64
N VAL A 241 18.40 10.06 4.61
CA VAL A 241 17.99 10.29 3.24
C VAL A 241 16.54 9.92 2.94
N LEU A 242 16.21 8.63 3.03
CA LEU A 242 14.86 8.19 2.73
C LEU A 242 13.83 8.81 3.66
N TYR A 243 14.18 8.86 4.95
CA TYR A 243 13.30 9.45 5.94
C TYR A 243 12.90 10.87 5.53
N ASP A 244 13.90 11.73 5.31
CA ASP A 244 13.67 13.12 4.91
C ASP A 244 12.74 13.27 3.70
N GLU A 245 12.97 12.47 2.66
CA GLU A 245 12.18 12.53 1.44
C GLU A 245 10.70 12.29 1.63
N ILE A 246 10.36 11.16 2.25
CA ILE A 246 8.96 10.84 2.48
C ILE A 246 8.30 11.89 3.37
N VAL A 247 8.99 12.28 4.43
CA VAL A 247 8.43 13.28 5.32
C VAL A 247 8.10 14.57 4.56
N LYS A 248 9.01 14.98 3.69
CA LYS A 248 8.82 16.17 2.90
C LYS A 248 7.50 16.04 2.10
N LEU A 249 7.32 14.88 1.47
CA LEU A 249 6.11 14.59 0.68
C LEU A 249 4.84 14.49 1.53
N LEU A 250 4.94 13.81 2.67
CA LEU A 250 3.80 13.66 3.55
C LEU A 250 3.34 15.03 4.07
N ARG A 251 4.29 15.91 4.38
CA ARG A 251 3.99 17.26 4.85
C ARG A 251 3.33 17.98 3.68
N GLU A 252 3.51 17.43 2.49
CA GLU A 252 2.96 18.02 1.27
C GLU A 252 1.57 17.44 1.04
N VAL A 253 1.39 16.17 1.41
CA VAL A 253 0.09 15.51 1.26
C VAL A 253 -0.88 16.09 2.27
N ALA A 254 -0.35 16.52 3.41
CA ALA A 254 -1.12 17.09 4.51
C ALA A 254 -1.52 18.56 4.32
N GLU A 255 -0.74 19.31 3.54
CA GLU A 255 -1.04 20.73 3.27
C GLU A 255 -2.05 20.85 2.14
N SER A 256 -1.95 19.94 1.17
CA SER A 256 -2.88 19.94 0.07
C SER A 256 -4.29 19.98 0.64
N GLU A 257 -4.49 19.25 1.74
CA GLU A 257 -5.78 19.18 2.40
C GLU A 257 -6.12 20.50 3.10
N ARG A 258 -5.09 21.21 3.58
CA ARG A 258 -5.28 22.49 4.25
C ARG A 258 -6.15 23.37 3.36
N ARG A 259 -6.21 22.99 2.07
CA ARG A 259 -7.03 23.68 1.08
C ARG A 259 -8.30 22.85 0.99
N VAL B 4 -14.41 2.27 34.65
CA VAL B 4 -15.27 3.41 34.18
C VAL B 4 -14.52 4.28 33.17
N LEU B 5 -14.22 3.69 32.03
CA LEU B 5 -13.49 4.33 30.95
C LEU B 5 -13.89 5.77 30.57
N ASN B 6 -12.95 6.69 30.75
CA ASN B 6 -13.16 8.11 30.40
C ASN B 6 -12.28 8.45 29.19
N PHE B 7 -12.88 9.06 28.15
CA PHE B 7 -12.14 9.45 26.95
C PHE B 7 -12.15 10.96 26.77
N VAL B 8 -10.97 11.56 26.60
CA VAL B 8 -10.88 13.02 26.46
C VAL B 8 -10.67 13.58 25.04
N GLY B 9 -10.79 12.74 24.03
CA GLY B 9 -10.63 13.24 22.69
C GLY B 9 -11.86 12.94 21.83
N THR B 10 -12.32 13.93 21.07
CA THR B 10 -13.48 13.75 20.18
C THR B 10 -12.98 13.61 18.76
N GLY B 11 -12.89 12.37 18.31
CA GLY B 11 -12.41 12.12 16.98
C GLY B 11 -12.04 10.66 16.94
N THR B 12 -12.26 10.02 15.78
CA THR B 12 -11.98 8.61 15.63
C THR B 12 -10.75 8.12 16.35
N LEU B 13 -10.94 7.03 17.07
CA LEU B 13 -9.95 6.32 17.87
C LEU B 13 -10.62 6.14 19.23
N THR B 14 -11.20 7.20 19.77
CA THR B 14 -11.88 7.03 21.03
C THR B 14 -13.15 6.37 20.52
N ARG B 15 -13.59 6.79 19.36
CA ARG B 15 -14.77 6.21 18.73
C ARG B 15 -14.55 4.70 18.53
N PHE B 16 -13.31 4.34 18.23
CA PHE B 16 -12.94 2.95 18.03
C PHE B 16 -13.10 2.25 19.36
N PHE B 17 -12.40 2.74 20.37
CA PHE B 17 -12.47 2.15 21.69
C PHE B 17 -13.90 2.13 22.24
N LEU B 18 -14.63 3.24 22.10
CA LEU B 18 -16.00 3.28 22.60
C LEU B 18 -16.71 2.08 22.02
N GLU B 19 -16.86 2.09 20.71
CA GLU B 19 -17.52 1.02 19.97
C GLU B 19 -17.13 -0.38 20.41
N CYS B 20 -15.96 -0.51 21.03
CA CYS B 20 -15.52 -1.82 21.47
C CYS B 20 -15.90 -1.97 22.95
N LEU B 21 -15.12 -1.35 23.81
CA LEU B 21 -15.32 -1.41 25.25
C LEU B 21 -16.61 -0.77 25.76
N LYS B 22 -17.69 -0.89 25.00
CA LYS B 22 -18.97 -0.31 25.42
C LYS B 22 -19.58 -1.11 26.57
N ILE B 27 -18.61 3.28 31.15
CA ILE B 27 -18.15 4.51 30.52
C ILE B 27 -18.44 5.78 31.32
N GLY B 28 -17.37 6.43 31.77
CA GLY B 28 -17.52 7.67 32.52
C GLY B 28 -17.85 8.84 31.62
N TYR B 29 -16.94 9.79 31.51
CA TYR B 29 -17.13 10.98 30.67
C TYR B 29 -16.39 10.97 29.34
N ILE B 30 -16.90 11.76 28.40
CA ILE B 30 -16.32 11.92 27.07
C ILE B 30 -16.14 13.43 26.92
N LEU B 31 -14.89 13.86 26.89
CA LEU B 31 -14.60 15.29 26.78
C LEU B 31 -14.05 15.74 25.44
N SER B 32 -14.38 16.96 25.07
CA SER B 32 -13.91 17.56 23.83
C SER B 32 -13.98 19.04 24.10
N ARG B 33 -13.12 19.80 23.42
CA ARG B 33 -13.08 21.26 23.59
C ARG B 33 -14.40 21.94 23.22
N SER B 34 -15.41 21.13 22.90
CA SER B 34 -16.74 21.64 22.56
C SER B 34 -17.77 20.54 22.79
N ILE B 35 -18.59 20.69 23.84
CA ILE B 35 -19.60 19.68 24.18
C ILE B 35 -20.37 19.17 22.97
N ASP B 36 -20.66 20.05 22.01
CA ASP B 36 -21.39 19.67 20.81
C ASP B 36 -20.93 18.30 20.33
N ARG B 37 -19.62 18.13 20.18
CA ARG B 37 -19.03 16.87 19.72
C ARG B 37 -19.01 15.86 20.85
N ALA B 38 -18.69 16.33 22.06
CA ALA B 38 -18.67 15.46 23.23
C ALA B 38 -20.02 14.76 23.32
N ARG B 39 -21.07 15.56 23.48
CA ARG B 39 -22.44 15.07 23.56
C ARG B 39 -22.70 14.10 22.42
N ASN B 40 -22.55 14.61 21.20
CA ASN B 40 -22.77 13.83 19.98
C ASN B 40 -22.28 12.38 20.07
N LEU B 41 -21.15 12.16 20.72
CA LEU B 41 -20.58 10.82 20.85
C LEU B 41 -21.18 10.05 22.02
N ALA B 42 -21.27 10.70 23.17
CA ALA B 42 -21.82 10.10 24.39
C ALA B 42 -23.31 9.81 24.23
N GLU B 43 -23.81 10.06 23.03
CA GLU B 43 -25.21 9.85 22.71
C GLU B 43 -25.28 8.73 21.67
N VAL B 44 -24.16 8.04 21.50
CA VAL B 44 -24.08 6.92 20.56
C VAL B 44 -23.54 5.71 21.32
N TYR B 45 -22.76 5.98 22.35
CA TYR B 45 -22.17 4.93 23.18
C TYR B 45 -22.54 5.14 24.66
N GLY B 46 -22.84 6.38 25.03
CA GLY B 46 -23.23 6.67 26.41
C GLY B 46 -22.21 7.22 27.39
N GLY B 47 -22.38 8.48 27.77
CA GLY B 47 -21.48 9.15 28.70
C GLY B 47 -21.93 10.58 28.94
N LYS B 48 -21.00 11.54 29.00
CA LYS B 48 -21.38 12.95 29.23
C LYS B 48 -20.68 14.00 28.33
N ALA B 49 -19.86 14.92 28.90
CA ALA B 49 -19.16 15.95 28.08
C ALA B 49 -18.31 17.04 28.78
N ALA B 50 -17.79 17.99 27.97
CA ALA B 50 -17.01 19.20 28.42
C ALA B 50 -15.53 19.16 28.89
N THR B 51 -14.65 19.96 28.27
CA THR B 51 -13.24 20.02 28.68
C THR B 51 -13.15 20.93 29.87
N LEU B 52 -14.32 21.31 30.34
CA LEU B 52 -14.50 22.16 31.54
C LEU B 52 -15.61 21.37 32.28
N GLU B 53 -15.36 20.06 32.37
CA GLU B 53 -16.22 19.01 32.92
C GLU B 53 -16.22 18.81 34.42
N LYS B 54 -16.73 17.66 34.83
CA LYS B 54 -16.81 17.26 36.24
C LYS B 54 -15.46 16.80 36.77
N HIS B 55 -15.52 15.84 37.68
CA HIS B 55 -14.34 15.27 38.34
C HIS B 55 -14.41 13.78 38.06
N PRO B 56 -13.52 13.28 37.18
CA PRO B 56 -13.48 11.85 36.81
C PRO B 56 -12.47 10.99 37.57
N GLU B 57 -12.62 9.67 37.42
CA GLU B 57 -11.73 8.69 38.04
C GLU B 57 -12.22 7.26 37.78
N VAL B 61 -9.98 5.20 34.95
CA VAL B 61 -9.10 5.40 33.80
C VAL B 61 -9.52 6.56 32.88
N VAL B 62 -8.53 7.34 32.46
CA VAL B 62 -8.80 8.47 31.59
C VAL B 62 -7.92 8.43 30.35
N PHE B 63 -8.57 8.41 29.19
CA PHE B 63 -7.88 8.36 27.90
C PHE B 63 -7.70 9.74 27.28
N VAL B 64 -6.46 10.19 27.15
CA VAL B 64 -6.21 11.49 26.55
C VAL B 64 -5.84 11.24 25.08
N ILE B 65 -6.86 11.03 24.25
CA ILE B 65 -6.63 10.76 22.82
C ILE B 65 -6.63 12.02 21.98
N VAL B 66 -5.59 12.82 22.15
CA VAL B 66 -5.41 14.06 21.45
C VAL B 66 -3.98 14.08 20.90
N PRO B 67 -3.68 14.97 19.95
CA PRO B 67 -2.34 15.08 19.36
C PRO B 67 -1.25 14.88 20.40
N ASP B 68 -0.14 14.30 19.97
CA ASP B 68 0.99 14.04 20.86
C ASP B 68 1.39 15.26 21.67
N ARG B 69 1.78 16.33 20.97
CA ARG B 69 2.23 17.55 21.64
C ARG B 69 1.29 18.11 22.67
N TYR B 70 0.06 17.61 22.70
CA TYR B 70 -0.92 18.07 23.68
C TYR B 70 -1.05 17.10 24.84
N ILE B 71 -1.28 15.82 24.52
CA ILE B 71 -1.41 14.74 25.51
C ILE B 71 -0.93 15.10 26.92
N LYS B 72 0.32 15.55 27.04
CA LYS B 72 0.84 15.90 28.34
C LYS B 72 0.07 17.07 28.96
N THR B 73 0.08 18.20 28.27
CA THR B 73 -0.61 19.39 28.74
C THR B 73 -2.07 19.14 29.12
N VAL B 74 -2.85 18.70 28.15
CA VAL B 74 -4.28 18.44 28.36
C VAL B 74 -4.55 17.74 29.71
N ALA B 75 -3.70 16.76 30.04
CA ALA B 75 -3.81 16.00 31.29
C ALA B 75 -3.56 16.88 32.51
N ASN B 76 -2.33 17.40 32.61
CA ASN B 76 -1.96 18.28 33.72
C ASN B 76 -2.79 19.57 33.64
N HIS B 77 -4.11 19.42 33.51
CA HIS B 77 -5.00 20.57 33.41
C HIS B 77 -6.41 20.18 33.86
N LEU B 78 -6.67 18.88 33.88
CA LEU B 78 -7.96 18.37 34.33
C LEU B 78 -7.74 17.94 35.78
N ASN B 79 -6.52 17.47 36.03
CA ASN B 79 -6.03 17.01 37.33
C ASN B 79 -7.04 16.80 38.47
N LEU B 80 -7.95 15.86 38.30
CA LEU B 80 -8.95 15.60 39.34
C LEU B 80 -9.43 14.16 39.48
N GLY B 81 -9.94 13.84 40.68
CA GLY B 81 -10.47 12.52 40.98
C GLY B 81 -9.59 11.35 40.65
N ASP B 82 -9.21 10.59 41.66
CA ASP B 82 -8.34 9.42 41.48
C ASP B 82 -8.69 8.43 40.35
N ALA B 83 -8.00 8.55 39.22
CA ALA B 83 -8.19 7.67 38.05
C ALA B 83 -6.83 7.14 37.61
N VAL B 84 -6.80 6.42 36.49
CA VAL B 84 -5.55 5.87 35.96
C VAL B 84 -5.25 6.47 34.59
N LEU B 85 -4.24 7.34 34.53
CA LEU B 85 -3.85 8.01 33.28
C LEU B 85 -3.29 7.15 32.15
N VAL B 86 -3.84 7.33 30.95
CA VAL B 86 -3.41 6.57 29.77
C VAL B 86 -3.48 7.39 28.47
N HIS B 87 -2.71 6.97 27.48
CA HIS B 87 -2.71 7.60 26.15
C HIS B 87 -2.31 6.59 25.06
N CYS B 88 -2.66 6.91 23.81
CA CYS B 88 -2.39 6.03 22.69
C CYS B 88 -1.15 6.33 21.85
N SER B 89 -0.34 7.28 22.28
CA SER B 89 0.87 7.62 21.53
C SER B 89 1.97 6.56 21.64
N GLY B 90 2.44 6.07 20.51
CA GLY B 90 3.49 5.07 20.53
C GLY B 90 4.89 5.66 20.64
N PHE B 91 4.97 6.98 20.60
CA PHE B 91 6.27 7.64 20.71
C PHE B 91 6.59 8.07 22.15
N LEU B 92 5.55 8.41 22.89
CA LEU B 92 5.72 8.88 24.26
C LEU B 92 5.31 7.81 25.25
N SER B 93 5.93 7.83 26.43
CA SER B 93 5.60 6.89 27.49
C SER B 93 4.46 7.49 28.28
N SER B 94 4.07 6.79 29.33
CA SER B 94 3.03 7.25 30.23
C SER B 94 3.74 8.16 31.24
N GLU B 95 5.03 7.90 31.46
CA GLU B 95 5.86 8.66 32.39
C GLU B 95 5.80 10.16 32.14
N ILE B 96 5.07 10.57 31.11
CA ILE B 96 4.95 11.99 30.81
C ILE B 96 4.02 12.59 31.87
N PHE B 97 2.94 11.89 32.19
CA PHE B 97 1.99 12.35 33.19
C PHE B 97 2.75 12.63 34.47
N LYS B 98 3.66 11.72 34.81
CA LYS B 98 4.46 11.85 36.02
C LYS B 98 3.54 11.84 37.24
N LYS B 99 2.88 10.71 37.42
CA LYS B 99 1.96 10.51 38.54
C LYS B 99 1.57 9.05 38.67
N SER B 100 0.70 8.76 39.64
CA SER B 100 0.21 7.40 39.92
C SER B 100 -0.43 6.72 38.71
N GLY B 101 -0.41 5.39 38.72
CA GLY B 101 -1.01 4.60 37.65
C GLY B 101 -1.00 5.27 36.29
N ARG B 102 0.06 5.01 35.54
CA ARG B 102 0.24 5.58 34.20
C ARG B 102 0.42 4.44 33.19
N ALA B 103 -0.29 4.53 32.06
CA ALA B 103 -0.19 3.52 31.03
C ALA B 103 -0.14 4.14 29.63
N SER B 104 0.10 3.28 28.63
CA SER B 104 0.18 3.72 27.23
C SER B 104 -0.26 2.55 26.34
N ILE B 105 -1.34 2.74 25.58
CA ILE B 105 -1.79 1.66 24.70
C ILE B 105 -1.82 2.09 23.22
N HIS B 106 -0.80 1.68 22.47
CA HIS B 106 -0.69 2.04 21.05
C HIS B 106 -1.26 1.03 20.06
N PRO B 107 -2.30 1.44 19.32
CA PRO B 107 -2.93 0.57 18.33
C PRO B 107 -2.26 0.67 16.96
N ASN B 108 -1.32 -0.24 16.68
CA ASN B 108 -0.62 -0.26 15.39
C ASN B 108 -1.62 -0.43 14.25
N PHE B 109 -2.19 0.70 13.82
CA PHE B 109 -3.17 0.75 12.76
C PHE B 109 -3.45 2.23 12.42
N SER B 110 -4.00 2.48 11.23
CA SER B 110 -4.32 3.84 10.79
C SER B 110 -5.82 4.11 10.77
N PHE B 111 -6.25 5.19 11.42
CA PHE B 111 -7.68 5.50 11.44
C PHE B 111 -8.00 6.82 10.71
N LEU B 114 -10.19 5.80 8.41
CA LEU B 114 -11.43 5.09 8.15
C LEU B 114 -11.85 4.23 9.32
N GLU B 115 -12.67 4.80 10.20
CA GLU B 115 -13.15 4.11 11.38
C GLU B 115 -13.90 2.81 11.10
N LYS B 116 -14.34 2.62 9.87
CA LYS B 116 -15.05 1.40 9.50
C LYS B 116 -14.03 0.28 9.31
N ALA B 117 -12.94 0.58 8.58
CA ALA B 117 -11.88 -0.40 8.32
C ALA B 117 -11.16 -0.86 9.58
N LEU B 118 -11.18 -0.05 10.62
CA LEU B 118 -10.51 -0.44 11.85
C LEU B 118 -11.41 -1.33 12.69
N GLU B 119 -12.59 -1.66 12.16
CA GLU B 119 -13.49 -2.53 12.87
C GLU B 119 -12.97 -3.96 12.85
N LYS B 121 -10.49 -5.18 14.25
CA LYS B 121 -9.60 -5.07 15.38
C LYS B 121 -8.82 -6.31 15.77
N ASP B 122 -9.45 -7.48 15.79
CA ASP B 122 -8.76 -8.70 16.21
C ASP B 122 -7.43 -8.96 15.55
N GLN B 123 -7.10 -8.13 14.56
CA GLN B 123 -5.84 -8.24 13.83
C GLN B 123 -4.80 -7.25 14.36
N ILE B 124 -5.30 -6.21 15.01
CA ILE B 124 -4.46 -5.15 15.57
C ILE B 124 -3.65 -5.54 16.81
N VAL B 125 -2.36 -5.21 16.77
CA VAL B 125 -1.45 -5.50 17.88
C VAL B 125 -1.29 -4.19 18.64
N PHE B 126 -1.06 -4.28 19.95
CA PHE B 126 -0.89 -3.10 20.79
C PHE B 126 0.47 -3.02 21.45
N GLY B 127 1.00 -1.80 21.53
CA GLY B 127 2.27 -1.57 22.18
C GLY B 127 1.91 -1.10 23.56
N LEU B 128 2.23 -1.91 24.56
CA LEU B 128 1.89 -1.58 25.94
C LEU B 128 3.07 -1.34 26.86
N GLU B 129 2.90 -0.37 27.75
CA GLU B 129 3.90 -0.03 28.75
C GLU B 129 3.17 0.76 29.84
N GLY B 130 3.68 0.67 31.08
CA GLY B 130 3.03 1.36 32.18
C GLY B 130 3.76 1.28 33.49
N ASP B 131 3.00 1.11 34.58
CA ASP B 131 3.57 1.03 35.92
C ASP B 131 2.74 0.10 36.79
N GLU B 132 2.88 0.28 38.10
CA GLU B 132 2.14 -0.50 39.08
C GLU B 132 0.72 -0.81 38.61
N ARG B 133 -0.18 0.16 38.79
CA ARG B 133 -1.61 0.02 38.42
C ARG B 133 -1.92 0.11 36.93
N GLY B 134 -1.12 0.88 36.20
CA GLY B 134 -1.36 1.07 34.78
C GLY B 134 -1.24 -0.10 33.81
N LEU B 135 -0.05 -0.69 33.73
CA LEU B 135 0.14 -1.77 32.77
C LEU B 135 -0.98 -2.78 32.68
N PRO B 136 -1.29 -3.47 33.79
CA PRO B 136 -2.37 -4.46 33.71
C PRO B 136 -3.70 -3.95 33.10
N ILE B 137 -3.99 -2.66 33.25
CA ILE B 137 -5.24 -2.10 32.73
C ILE B 137 -5.28 -2.12 31.20
N VAL B 138 -4.24 -1.59 30.57
CA VAL B 138 -4.16 -1.56 29.12
C VAL B 138 -3.96 -2.97 28.56
N LYS B 139 -3.48 -3.89 29.40
CA LYS B 139 -3.27 -5.28 29.00
C LYS B 139 -4.64 -5.95 28.85
N LYS B 140 -5.53 -5.59 29.76
CA LYS B 140 -6.88 -6.14 29.77
C LYS B 140 -7.65 -5.49 28.64
N ILE B 141 -7.52 -4.18 28.53
CA ILE B 141 -8.20 -3.46 27.46
C ILE B 141 -7.70 -4.07 26.16
N ALA B 142 -6.38 -4.15 26.02
CA ALA B 142 -5.78 -4.72 24.83
C ALA B 142 -6.37 -6.10 24.58
N GLU B 143 -6.36 -6.94 25.61
CA GLU B 143 -6.88 -8.30 25.53
C GLU B 143 -8.36 -8.35 25.16
N GLU B 144 -9.10 -7.34 25.60
CA GLU B 144 -10.54 -7.28 25.34
C GLU B 144 -10.89 -6.98 23.89
N ILE B 145 -9.94 -6.49 23.11
CA ILE B 145 -10.21 -6.12 21.70
C ILE B 145 -9.55 -7.07 20.69
N SER B 146 -8.28 -7.35 20.89
CA SER B 146 -7.57 -8.25 20.00
C SER B 146 -6.96 -9.34 20.82
N GLY B 147 -6.19 -10.19 20.15
CA GLY B 147 -5.54 -11.29 20.83
C GLY B 147 -4.41 -10.85 21.75
N LYS B 148 -3.39 -10.21 21.20
CA LYS B 148 -2.28 -9.80 22.05
C LYS B 148 -1.67 -8.43 21.78
N TYR B 149 -0.46 -8.26 22.29
CA TYR B 149 0.23 -6.99 22.19
C TYR B 149 1.73 -7.23 22.39
N PHE B 150 2.42 -6.16 22.76
CA PHE B 150 3.86 -6.17 22.95
C PHE B 150 4.20 -5.11 24.00
N VAL B 151 5.23 -5.37 24.80
CA VAL B 151 5.63 -4.42 25.83
C VAL B 151 6.96 -3.74 25.46
N ILE B 152 7.04 -2.43 25.71
CA ILE B 152 8.22 -1.65 25.38
C ILE B 152 8.99 -1.21 26.62
N GLU B 155 11.37 2.24 26.57
CA GLU B 155 12.65 2.83 26.20
C GLU B 155 12.88 2.73 24.71
N LYS B 156 12.36 1.66 24.12
CA LYS B 156 12.46 1.39 22.69
C LYS B 156 11.26 1.98 21.99
N LYS B 157 10.49 2.76 22.75
CA LYS B 157 9.28 3.42 22.27
C LYS B 157 9.55 4.10 20.94
N LYS B 158 10.67 4.83 20.88
CA LYS B 158 11.08 5.55 19.70
C LYS B 158 11.10 4.64 18.49
N ALA B 159 12.05 3.72 18.47
CA ALA B 159 12.18 2.76 17.37
C ALA B 159 10.87 2.02 17.10
N TYR B 160 10.29 1.41 18.12
CA TYR B 160 9.03 0.70 17.95
C TYR B 160 8.01 1.55 17.18
N HIS B 161 7.89 2.83 17.54
CA HIS B 161 6.94 3.68 16.86
C HIS B 161 7.42 4.13 15.49
N LEU B 162 8.73 4.31 15.33
CA LEU B 162 9.26 4.70 14.03
C LEU B 162 8.83 3.62 13.02
N ALA B 163 8.92 2.37 13.44
CA ALA B 163 8.55 1.27 12.58
C ALA B 163 7.08 1.35 12.16
N ALA B 164 6.21 1.84 13.04
CA ALA B 164 4.80 1.94 12.65
C ALA B 164 4.60 3.06 11.64
N VAL B 165 5.42 4.10 11.74
CA VAL B 165 5.31 5.18 10.78
C VAL B 165 5.83 4.80 9.40
N ILE B 166 6.99 4.15 9.34
CA ILE B 166 7.50 3.77 8.02
C ILE B 166 6.86 2.50 7.56
N ALA B 167 5.63 2.26 8.02
CA ALA B 167 4.87 1.06 7.64
C ALA B 167 3.40 1.36 7.35
N SER B 168 2.87 2.43 7.94
CA SER B 168 1.48 2.82 7.74
C SER B 168 1.36 4.31 7.39
N ASN B 169 2.48 5.03 7.46
CA ASN B 169 2.45 6.44 7.11
C ASN B 169 3.14 6.60 5.78
N PHE B 170 4.42 6.26 5.76
CA PHE B 170 5.23 6.39 4.56
C PHE B 170 4.58 5.89 3.27
N PRO B 171 3.91 4.72 3.30
CA PRO B 171 3.26 4.16 2.11
C PRO B 171 2.36 5.14 1.38
N VAL B 172 1.80 6.11 2.09
CA VAL B 172 0.96 7.04 1.38
C VAL B 172 1.83 7.91 0.46
N ALA B 173 3.06 8.18 0.87
CA ALA B 173 3.97 8.97 0.05
C ALA B 173 4.26 8.28 -1.31
N LEU B 174 4.13 6.96 -1.35
CA LEU B 174 4.34 6.22 -2.58
C LEU B 174 3.02 6.25 -3.34
N ALA B 175 1.95 5.87 -2.68
CA ALA B 175 0.64 5.89 -3.33
C ALA B 175 0.43 7.26 -3.94
N TYR B 176 0.84 8.29 -3.21
CA TYR B 176 0.73 9.67 -3.65
C TYR B 176 1.55 9.83 -4.93
N LEU B 177 2.86 9.59 -4.83
CA LEU B 177 3.74 9.69 -5.98
C LEU B 177 3.19 8.98 -7.23
N SER B 178 2.66 7.78 -7.02
CA SER B 178 2.10 7.01 -8.12
C SER B 178 0.84 7.70 -8.63
N LYS B 179 0.08 8.30 -7.72
CA LYS B 179 -1.14 9.00 -8.10
C LYS B 179 -0.86 10.20 -9.01
N ARG B 180 0.14 11.00 -8.63
CA ARG B 180 0.53 12.19 -9.40
C ARG B 180 0.77 11.85 -10.89
N ILE B 181 1.70 10.95 -11.11
CA ILE B 181 2.09 10.50 -12.45
C ILE B 181 0.94 9.85 -13.21
N TYR B 182 0.05 9.16 -12.52
CA TYR B 182 -1.09 8.54 -13.20
C TYR B 182 -2.03 9.65 -13.61
N THR B 183 -2.24 10.57 -12.68
CA THR B 183 -3.09 11.72 -12.90
C THR B 183 -2.66 12.39 -14.20
N LEU B 184 -1.39 12.78 -14.26
CA LEU B 184 -0.78 13.42 -15.42
C LEU B 184 -0.92 12.55 -16.68
N LEU B 185 -1.10 11.25 -16.48
CA LEU B 185 -1.21 10.32 -17.59
C LEU B 185 -2.65 10.14 -18.06
N GLY B 186 -3.55 10.93 -17.52
CA GLY B 186 -4.94 10.85 -17.94
C GLY B 186 -5.88 10.05 -17.07
N LEU B 187 -5.39 9.05 -16.33
CA LEU B 187 -6.28 8.28 -15.49
C LEU B 187 -6.85 9.25 -14.47
N ASP B 188 -8.13 9.57 -14.61
CA ASP B 188 -8.81 10.54 -13.74
C ASP B 188 -9.02 10.11 -12.29
N GLU B 189 -9.40 8.86 -12.09
CA GLU B 189 -9.64 8.31 -10.76
C GLU B 189 -8.71 7.09 -10.65
N PRO B 190 -7.46 7.30 -10.21
CA PRO B 190 -6.53 6.17 -10.10
C PRO B 190 -6.61 5.35 -8.82
N GLU B 191 -7.19 5.95 -7.78
CA GLU B 191 -7.30 5.28 -6.48
C GLU B 191 -7.55 3.77 -6.54
N LEU B 192 -8.51 3.37 -7.37
CA LEU B 192 -8.89 1.99 -7.51
C LEU B 192 -7.72 1.13 -8.03
N LEU B 193 -6.94 1.67 -8.98
CA LEU B 193 -5.79 0.96 -9.53
C LEU B 193 -4.67 0.89 -8.49
N ILE B 194 -4.26 2.05 -7.99
CA ILE B 194 -3.21 2.16 -6.98
C ILE B 194 -3.47 1.23 -5.79
N HIS B 195 -4.72 1.14 -5.36
CA HIS B 195 -5.09 0.26 -4.24
C HIS B 195 -4.83 -1.21 -4.58
N THR B 196 -5.34 -1.64 -5.72
CA THR B 196 -5.18 -3.03 -6.16
C THR B 196 -3.72 -3.48 -6.06
N LEU B 197 -2.81 -2.62 -6.53
CA LEU B 197 -1.39 -2.90 -6.49
C LEU B 197 -0.81 -2.93 -5.08
N LYS B 199 -2.46 -3.11 -2.27
CA LYS B 199 -3.07 -4.13 -1.45
C LYS B 199 -2.31 -5.43 -1.70
N GLY B 200 -2.05 -5.72 -2.97
CA GLY B 200 -1.33 -6.93 -3.31
C GLY B 200 -0.01 -7.00 -2.56
N VAL B 201 0.82 -5.97 -2.68
CA VAL B 201 2.11 -5.97 -2.01
C VAL B 201 1.91 -6.30 -0.54
N ALA B 202 0.98 -5.59 0.09
CA ALA B 202 0.66 -5.80 1.51
C ALA B 202 0.52 -7.29 1.78
N ASP B 203 -0.48 -7.91 1.16
CA ASP B 203 -0.73 -9.33 1.34
C ASP B 203 0.50 -10.13 1.02
N ASN B 204 1.13 -9.82 -0.10
CA ASN B 204 2.31 -10.56 -0.48
C ASN B 204 3.42 -10.39 0.55
N ILE B 205 3.44 -9.26 1.25
CA ILE B 205 4.47 -9.05 2.26
C ILE B 205 4.22 -10.05 3.38
N LYS B 206 2.97 -10.49 3.50
CA LYS B 206 2.61 -11.47 4.53
C LYS B 206 2.93 -12.88 4.05
N LYS B 207 2.13 -13.38 3.11
CA LYS B 207 2.28 -14.71 2.53
C LYS B 207 3.76 -15.07 2.32
N ARG B 209 7.58 -13.79 3.46
CA ARG B 209 8.25 -12.85 4.34
C ARG B 209 8.91 -11.82 3.38
N VAL B 210 9.27 -10.64 3.87
CA VAL B 210 9.86 -9.59 3.02
C VAL B 210 10.89 -10.04 1.98
N GLU B 211 11.91 -10.77 2.42
CA GLU B 211 12.97 -11.21 1.54
C GLU B 211 12.58 -12.05 0.33
N CYS B 212 11.39 -12.65 0.35
CA CYS B 212 10.93 -13.50 -0.75
C CYS B 212 9.75 -12.85 -1.48
N SER B 213 9.26 -11.74 -0.94
CA SER B 213 8.12 -11.01 -1.47
C SER B 213 8.38 -10.08 -2.67
N LEU B 214 9.65 -9.79 -2.94
CA LEU B 214 10.02 -8.88 -4.03
C LEU B 214 9.94 -9.35 -5.49
N THR B 215 9.56 -8.44 -6.36
CA THR B 215 9.45 -8.67 -7.81
C THR B 215 9.67 -7.31 -8.47
N GLY B 216 9.56 -7.24 -9.79
CA GLY B 216 9.76 -5.97 -10.47
C GLY B 216 11.11 -5.85 -11.18
N PRO B 217 11.41 -4.70 -11.78
CA PRO B 217 12.67 -4.47 -12.49
C PRO B 217 13.93 -4.86 -11.74
N VAL B 218 14.23 -4.18 -10.64
CA VAL B 218 15.43 -4.49 -9.87
C VAL B 218 15.51 -5.97 -9.53
N LYS B 219 14.44 -6.55 -8.97
CA LYS B 219 14.43 -7.96 -8.61
C LYS B 219 15.14 -8.88 -9.63
N ARG B 220 14.82 -8.69 -10.91
CA ARG B 220 15.34 -9.52 -11.98
C ARG B 220 16.51 -9.01 -12.83
N GLY B 221 17.13 -7.91 -12.43
CA GLY B 221 18.22 -7.36 -13.23
C GLY B 221 17.55 -6.21 -13.96
N ASP B 222 17.31 -6.35 -15.25
CA ASP B 222 16.63 -5.28 -15.98
C ASP B 222 17.09 -3.92 -15.48
N TRP B 223 18.40 -3.73 -15.43
CA TRP B 223 18.92 -2.48 -14.95
C TRP B 223 18.70 -1.40 -15.99
N GLN B 224 18.35 -1.79 -17.22
CA GLN B 224 18.14 -0.77 -18.22
C GLN B 224 16.78 -0.18 -18.02
N VAL B 225 15.95 -0.94 -17.31
CA VAL B 225 14.60 -0.48 -16.97
C VAL B 225 14.72 0.43 -15.74
N VAL B 226 15.56 0.05 -14.77
CA VAL B 226 15.72 0.89 -13.61
C VAL B 226 16.33 2.22 -13.98
N GLU B 227 17.33 2.20 -14.85
CA GLU B 227 18.00 3.41 -15.30
C GLU B 227 17.10 4.30 -16.16
N GLU B 228 16.41 3.71 -17.14
CA GLU B 228 15.54 4.52 -17.97
C GLU B 228 14.42 5.14 -17.14
N GLU B 229 13.97 4.44 -16.11
CA GLU B 229 12.90 4.96 -15.25
C GLU B 229 13.44 5.99 -14.25
N ARG B 230 14.77 6.07 -14.13
CA ARG B 230 15.32 7.06 -13.22
C ARG B 230 15.18 8.40 -13.93
N ARG B 231 15.37 8.40 -15.25
CA ARG B 231 15.27 9.61 -16.06
C ARG B 231 13.81 10.03 -16.14
N GLU B 232 12.93 9.04 -16.16
CA GLU B 232 11.48 9.23 -16.25
C GLU B 232 10.98 9.72 -14.91
N TYR B 233 11.68 9.33 -13.84
CA TYR B 233 11.32 9.76 -12.50
C TYR B 233 11.72 11.24 -12.42
N GLU B 234 12.96 11.52 -12.81
CA GLU B 234 13.47 12.89 -12.77
C GLU B 234 12.64 13.84 -13.60
N LYS B 235 12.28 13.41 -14.81
CA LYS B 235 11.47 14.24 -15.68
C LYS B 235 10.12 14.60 -15.06
N ILE B 236 9.47 13.64 -14.42
CA ILE B 236 8.18 13.93 -13.82
C ILE B 236 8.26 14.73 -12.54
N PHE B 237 9.27 14.46 -11.72
CA PHE B 237 9.42 15.21 -10.47
C PHE B 237 10.60 16.12 -10.69
N GLY B 238 11.32 16.50 -9.64
CA GLY B 238 12.43 17.39 -9.90
C GLY B 238 13.80 16.82 -9.66
N ASN B 239 13.85 15.55 -9.24
CA ASN B 239 15.10 14.89 -8.91
C ASN B 239 14.90 13.39 -8.81
N THR B 240 15.95 12.69 -8.40
CA THR B 240 15.90 11.23 -8.26
C THR B 240 16.29 10.70 -6.87
N VAL B 241 16.29 11.57 -5.86
CA VAL B 241 16.68 11.14 -4.52
C VAL B 241 15.90 9.97 -3.94
N LEU B 242 14.58 10.11 -3.79
CA LEU B 242 13.79 9.02 -3.23
C LEU B 242 13.91 7.74 -4.05
N TYR B 243 13.79 7.89 -5.36
CA TYR B 243 13.92 6.80 -6.30
C TYR B 243 15.23 6.05 -6.05
N ASP B 244 16.34 6.78 -6.06
CA ASP B 244 17.63 6.12 -5.85
C ASP B 244 17.69 5.46 -4.50
N GLU B 245 16.95 6.02 -3.56
CA GLU B 245 16.95 5.48 -2.20
C GLU B 245 16.21 4.15 -2.15
N ILE B 246 15.01 4.11 -2.72
CA ILE B 246 14.23 2.90 -2.72
C ILE B 246 14.91 1.78 -3.50
N VAL B 247 15.65 2.11 -4.55
CA VAL B 247 16.32 1.07 -5.33
C VAL B 247 17.43 0.49 -4.48
N LYS B 248 18.22 1.36 -3.85
CA LYS B 248 19.28 0.89 -2.99
C LYS B 248 18.69 0.00 -1.91
N LEU B 249 17.45 0.31 -1.51
CA LEU B 249 16.80 -0.51 -0.51
C LEU B 249 16.38 -1.83 -1.14
N LEU B 250 15.62 -1.74 -2.22
CA LEU B 250 15.15 -2.94 -2.92
C LEU B 250 16.22 -4.00 -3.17
N ARG B 251 17.43 -3.57 -3.55
CA ARG B 251 18.51 -4.51 -3.78
C ARG B 251 18.81 -5.19 -2.45
N GLU B 252 18.89 -4.40 -1.38
CA GLU B 252 19.15 -5.00 -0.08
C GLU B 252 18.11 -6.09 0.12
N VAL B 253 16.86 -5.81 -0.26
CA VAL B 253 15.83 -6.83 -0.13
C VAL B 253 16.17 -7.94 -1.12
N ALA B 254 16.14 -7.58 -2.40
CA ALA B 254 16.42 -8.52 -3.50
C ALA B 254 17.58 -9.47 -3.26
N GLU B 255 18.65 -8.97 -2.64
CA GLU B 255 19.83 -9.78 -2.35
C GLU B 255 19.71 -10.51 -1.00
N SER B 256 18.60 -11.21 -0.80
CA SER B 256 18.35 -11.97 0.42
C SER B 256 17.76 -13.34 0.10
#